data_3F6Z
#
_entry.id   3F6Z
#
_cell.length_a   175.970
_cell.length_b   90.960
_cell.length_c   49.730
_cell.angle_alpha   90.000
_cell.angle_beta   98.170
_cell.angle_gamma   90.000
#
_symmetry.space_group_name_H-M   'C 1 2 1'
#
loop_
_entity.id
_entity.type
_entity.pdbx_description
1 polymer 'Lysozyme C'
2 polymer 'Putative uncharacterized protein'
3 water water
#
loop_
_entity_poly.entity_id
_entity_poly.type
_entity_poly.pdbx_seq_one_letter_code
_entity_poly.pdbx_strand_id
1 'polypeptide(L)'
;KVFGRCELAAAMKRHGLDNYRGYSLGNWVCAAKFESNFNTQATNRNTDGSTDYGILQINSRWWCNDGRTPGSRNLCNIPC
SALLSSDITASVNCAKKIVSDGNGMNAWVAWRNRCKGTDVQAWIRGCRL
;
A,C
2 'polypeptide(L)'
;KQAQVDYLALPGDAKLDTRSVDYKCENGRKFTVQYLNKGDNSLAVVPVSDNSTLVFSNVISASGAKYAAGQYIWWTKGEE
ATLYGDWKGGEPTDGVACKER
;
B,D
#
# COMPACT_ATOMS: atom_id res chain seq x y z
N LYS A 1 15.01 25.56 17.48
CA LYS A 1 16.42 25.50 17.04
C LYS A 1 16.59 24.88 15.65
N VAL A 2 17.43 25.51 14.84
CA VAL A 2 17.73 25.04 13.50
C VAL A 2 19.11 24.37 13.57
N PHE A 3 19.14 23.04 13.52
CA PHE A 3 20.40 22.32 13.57
C PHE A 3 21.24 22.61 12.34
N GLY A 4 22.55 22.54 12.51
CA GLY A 4 23.44 22.71 11.39
C GLY A 4 23.51 21.31 10.82
N ARG A 5 23.91 21.17 9.55
CA ARG A 5 23.99 19.86 8.90
C ARG A 5 24.92 18.89 9.61
N CYS A 6 26.17 19.28 9.78
CA CYS A 6 27.14 18.43 10.44
C CYS A 6 26.80 18.29 11.90
N GLU A 7 26.32 19.38 12.49
CA GLU A 7 25.92 19.38 13.89
C GLU A 7 24.84 18.32 14.10
N LEU A 8 23.92 18.21 13.14
CA LEU A 8 22.84 17.23 13.21
C LEU A 8 23.37 15.82 13.02
N ALA A 9 24.29 15.65 12.05
CA ALA A 9 24.86 14.34 11.78
C ALA A 9 25.59 13.76 13.00
N ALA A 10 26.27 14.61 13.75
CA ALA A 10 27.00 14.17 14.93
C ALA A 10 26.02 13.74 16.01
N ALA A 11 24.95 14.50 16.18
CA ALA A 11 23.95 14.17 17.19
C ALA A 11 23.26 12.84 16.86
N MET A 12 22.91 12.66 15.58
CA MET A 12 22.26 11.43 15.13
C MET A 12 23.19 10.22 15.24
N LYS A 13 24.48 10.44 15.04
CA LYS A 13 25.46 9.35 15.12
C LYS A 13 25.63 8.88 16.57
N ARG A 14 25.54 9.81 17.52
CA ARG A 14 25.64 9.44 18.91
C ARG A 14 24.44 8.56 19.31
N HIS A 15 23.29 8.80 18.67
CA HIS A 15 22.12 8.00 18.98
C HIS A 15 22.18 6.61 18.39
N GLY A 16 23.10 6.41 17.44
CA GLY A 16 23.25 5.10 16.83
C GLY A 16 22.46 4.91 15.55
N LEU A 17 22.16 6.01 14.87
CA LEU A 17 21.39 5.91 13.63
C LEU A 17 22.17 5.39 12.44
N ASP A 18 23.50 5.45 12.50
CA ASP A 18 24.32 4.96 11.40
C ASP A 18 24.17 3.44 11.31
N ASN A 19 23.58 3.00 10.20
CA ASN A 19 23.34 1.59 9.93
C ASN A 19 22.19 1.06 10.78
N TYR A 20 21.41 1.96 11.38
CA TYR A 20 20.28 1.52 12.18
C TYR A 20 19.31 0.85 11.19
N ARG A 21 19.05 -0.43 11.40
CA ARG A 21 18.17 -1.19 10.52
C ARG A 21 18.68 -1.17 9.06
N GLY A 22 19.99 -1.05 8.91
CA GLY A 22 20.59 -1.05 7.59
C GLY A 22 20.63 0.30 6.88
N TYR A 23 20.24 1.37 7.56
CA TYR A 23 20.26 2.68 6.94
C TYR A 23 21.47 3.51 7.36
N SER A 24 22.35 3.78 6.41
CA SER A 24 23.55 4.57 6.68
C SER A 24 23.14 5.97 7.15
N LEU A 25 24.01 6.59 7.95
CA LEU A 25 23.78 7.91 8.54
C LEU A 25 23.24 8.99 7.61
N GLY A 26 23.78 9.07 6.40
CA GLY A 26 23.34 10.10 5.46
C GLY A 26 21.85 10.13 5.17
N ASN A 27 21.19 8.97 5.24
CA ASN A 27 19.77 8.85 5.00
C ASN A 27 18.94 9.64 6.01
N TRP A 28 19.37 9.61 7.26
CA TRP A 28 18.66 10.30 8.34
C TRP A 28 18.86 11.81 8.30
N VAL A 29 20.07 12.24 7.96
CA VAL A 29 20.36 13.67 7.86
C VAL A 29 19.61 14.21 6.64
N CYS A 30 19.56 13.40 5.59
CA CYS A 30 18.88 13.77 4.35
C CYS A 30 17.38 13.95 4.54
N ALA A 31 16.75 12.99 5.21
CA ALA A 31 15.31 13.05 5.46
C ALA A 31 14.94 14.31 6.26
N ALA A 32 15.78 14.65 7.25
CA ALA A 32 15.54 15.84 8.08
C ALA A 32 15.67 17.11 7.25
N LYS A 33 16.69 17.15 6.41
CA LYS A 33 16.94 18.29 5.55
C LYS A 33 15.71 18.62 4.70
N PHE A 34 15.15 17.61 4.04
CA PHE A 34 14.00 17.84 3.18
C PHE A 34 12.64 17.79 3.86
N GLU A 35 12.57 17.19 5.05
CA GLU A 35 11.32 17.17 5.79
C GLU A 35 11.17 18.51 6.53
N SER A 36 12.22 18.93 7.22
CA SER A 36 12.16 20.15 8.02
C SER A 36 13.22 21.21 7.78
N ASN A 37 14.23 20.88 6.98
CA ASN A 37 15.32 21.83 6.73
C ASN A 37 16.10 22.06 8.04
N PHE A 38 16.20 21.01 8.85
CA PHE A 38 16.92 21.02 10.14
C PHE A 38 16.27 21.84 11.25
N ASN A 39 15.04 22.28 11.03
CA ASN A 39 14.31 23.07 12.01
C ASN A 39 13.52 22.18 12.99
N THR A 40 13.93 22.17 14.24
CA THR A 40 13.28 21.35 15.27
C THR A 40 11.86 21.77 15.60
N GLN A 41 11.50 23.01 15.26
CA GLN A 41 10.16 23.51 15.55
C GLN A 41 9.19 23.53 14.37
N ALA A 42 9.58 22.91 13.26
CA ALA A 42 8.74 22.88 12.06
C ALA A 42 7.46 22.09 12.26
N THR A 43 6.37 22.59 11.70
CA THR A 43 5.08 21.92 11.78
C THR A 43 4.38 22.15 10.44
N ASN A 44 3.61 21.17 9.99
CA ASN A 44 2.90 21.28 8.72
C ASN A 44 1.58 20.52 8.76
N ARG A 45 0.50 21.22 8.42
CA ARG A 45 -0.82 20.61 8.41
C ARG A 45 -1.07 19.85 7.11
N ASN A 46 -1.74 18.70 7.23
CA ASN A 46 -2.03 17.87 6.06
C ASN A 46 -3.52 17.75 5.76
N THR A 47 -3.82 17.27 4.57
CA THR A 47 -5.20 17.10 4.10
C THR A 47 -6.06 16.12 4.91
N ASP A 48 -5.45 15.27 5.72
CA ASP A 48 -6.24 14.31 6.51
C ASP A 48 -6.57 14.82 7.90
N GLY A 49 -6.22 16.08 8.19
CA GLY A 49 -6.51 16.64 9.49
C GLY A 49 -5.35 16.50 10.47
N SER A 50 -4.26 15.89 10.01
CA SER A 50 -3.09 15.70 10.87
C SER A 50 -2.08 16.81 10.65
N THR A 51 -1.05 16.79 11.47
CA THR A 51 0.05 17.75 11.40
C THR A 51 1.36 16.99 11.60
N ASP A 52 2.42 17.42 10.92
CA ASP A 52 3.73 16.78 11.06
C ASP A 52 4.56 17.64 12.02
N TYR A 53 5.21 17.01 12.99
CA TYR A 53 5.98 17.74 13.99
C TYR A 53 7.47 17.42 14.12
N GLY A 54 8.26 18.45 14.34
CA GLY A 54 9.67 18.27 14.57
C GLY A 54 10.60 18.21 13.39
N ILE A 55 11.87 18.00 13.72
CA ILE A 55 12.93 17.91 12.74
C ILE A 55 12.71 16.76 11.78
N LEU A 56 11.99 15.72 12.22
CA LEU A 56 11.71 14.59 11.34
C LEU A 56 10.25 14.51 10.94
N GLN A 57 9.52 15.61 11.19
CA GLN A 57 8.10 15.72 10.84
C GLN A 57 7.26 14.49 11.13
N ILE A 58 7.17 14.13 12.41
CA ILE A 58 6.39 12.97 12.84
C ILE A 58 4.90 13.29 12.78
N ASN A 59 4.16 12.43 12.08
CA ASN A 59 2.73 12.60 11.87
C ASN A 59 1.83 12.39 13.09
N SER A 60 0.86 13.30 13.27
CA SER A 60 -0.07 13.27 14.40
C SER A 60 -1.26 12.31 14.27
N ARG A 61 -1.43 11.66 13.13
CA ARG A 61 -2.52 10.70 12.99
C ARG A 61 -2.01 9.33 13.41
N TRP A 62 -0.80 9.02 12.97
CA TRP A 62 -0.20 7.72 13.27
C TRP A 62 0.73 7.57 14.45
N TRP A 63 1.59 8.55 14.69
CA TRP A 63 2.57 8.41 15.75
C TRP A 63 2.47 9.22 17.03
N CYS A 64 2.08 10.49 16.97
CA CYS A 64 1.97 11.29 18.19
C CYS A 64 0.58 11.87 18.35
N ASN A 65 0.27 12.33 19.56
CA ASN A 65 -1.03 12.92 19.86
C ASN A 65 -0.93 14.43 20.03
N ASP A 66 -1.69 15.17 19.22
CA ASP A 66 -1.67 16.62 19.33
C ASP A 66 -3.04 17.11 19.78
N GLY A 67 -3.87 16.17 20.21
CA GLY A 67 -5.21 16.47 20.70
C GLY A 67 -6.18 17.14 19.74
N ARG A 68 -5.87 17.15 18.45
CA ARG A 68 -6.77 17.79 17.50
C ARG A 68 -6.88 17.02 16.19
N THR A 69 -6.32 15.81 16.16
CA THR A 69 -6.34 15.01 14.94
C THR A 69 -7.32 13.85 15.08
N PRO A 70 -8.28 13.74 14.15
CA PRO A 70 -9.27 12.67 14.18
C PRO A 70 -8.65 11.29 13.91
N GLY A 71 -9.16 10.28 14.60
CA GLY A 71 -8.65 8.93 14.41
C GLY A 71 -7.17 8.79 14.73
N SER A 72 -6.75 9.33 15.87
CA SER A 72 -5.35 9.27 16.26
C SER A 72 -4.99 7.90 16.81
N ARG A 73 -3.88 7.34 16.31
CA ARG A 73 -3.38 6.03 16.74
C ARG A 73 -2.28 6.17 17.80
N ASN A 74 -1.62 7.32 17.82
CA ASN A 74 -0.56 7.59 18.80
C ASN A 74 0.35 6.38 19.02
N LEU A 75 0.88 5.79 17.95
CA LEU A 75 1.72 4.61 18.08
C LEU A 75 3.05 4.80 18.80
N CYS A 76 3.53 6.04 18.93
CA CYS A 76 4.76 6.29 19.67
C CYS A 76 4.37 6.67 21.11
N ASN A 77 3.06 6.68 21.36
CA ASN A 77 2.51 7.01 22.67
C ASN A 77 3.17 8.25 23.24
N ILE A 78 3.20 9.32 22.47
CA ILE A 78 3.84 10.54 22.91
C ILE A 78 3.09 11.77 22.45
N PRO A 79 3.07 12.83 23.26
CA PRO A 79 2.36 14.04 22.82
C PRO A 79 3.24 14.74 21.78
N CYS A 80 2.64 15.17 20.68
CA CYS A 80 3.40 15.83 19.62
C CYS A 80 4.22 17.01 20.12
N SER A 81 3.74 17.67 21.18
CA SER A 81 4.48 18.81 21.73
C SER A 81 5.87 18.39 22.24
N ALA A 82 5.99 17.13 22.66
CA ALA A 82 7.28 16.64 23.17
C ALA A 82 8.30 16.44 22.05
N LEU A 83 7.85 16.52 20.80
CA LEU A 83 8.74 16.33 19.66
C LEU A 83 9.29 17.64 19.12
N LEU A 84 9.16 18.73 19.88
CA LEU A 84 9.64 20.02 19.42
C LEU A 84 10.78 20.63 20.22
N SER A 85 11.58 19.77 20.86
CA SER A 85 12.71 20.23 21.66
C SER A 85 13.96 20.43 20.80
N SER A 86 14.90 21.24 21.27
CA SER A 86 16.13 21.47 20.52
C SER A 86 17.01 20.21 20.62
N ASP A 87 16.57 19.27 21.43
CA ASP A 87 17.26 17.99 21.61
C ASP A 87 16.41 16.99 20.83
N ILE A 88 17.01 16.30 19.86
CA ILE A 88 16.27 15.38 19.01
C ILE A 88 15.95 13.99 19.56
N THR A 89 16.25 13.74 20.83
CA THR A 89 16.02 12.43 21.41
C THR A 89 14.60 11.87 21.16
N ALA A 90 13.58 12.58 21.60
CA ALA A 90 12.21 12.12 21.41
C ALA A 90 11.89 11.77 19.95
N SER A 91 12.46 12.52 19.02
CA SER A 91 12.23 12.29 17.59
C SER A 91 12.97 11.07 17.10
N VAL A 92 14.24 10.96 17.48
CA VAL A 92 15.07 9.84 17.06
C VAL A 92 14.45 8.54 17.55
N ASN A 93 13.96 8.52 18.79
CA ASN A 93 13.36 7.32 19.37
C ASN A 93 12.07 6.92 18.69
N CYS A 94 11.24 7.89 18.33
CA CYS A 94 10.01 7.54 17.64
C CYS A 94 10.37 7.09 16.22
N ALA A 95 11.37 7.75 15.62
CA ALA A 95 11.80 7.41 14.27
C ALA A 95 12.33 5.98 14.24
N LYS A 96 13.08 5.60 15.28
CA LYS A 96 13.62 4.24 15.37
C LYS A 96 12.47 3.24 15.40
N LYS A 97 11.40 3.56 16.13
CA LYS A 97 10.25 2.65 16.19
C LYS A 97 9.55 2.56 14.85
N ILE A 98 9.41 3.69 14.17
CA ILE A 98 8.75 3.72 12.87
C ILE A 98 9.48 2.82 11.88
N VAL A 99 10.80 2.95 11.83
CA VAL A 99 11.60 2.16 10.91
C VAL A 99 11.77 0.75 11.45
N SER A 100 11.79 0.62 12.77
CA SER A 100 11.95 -0.68 13.40
C SER A 100 10.72 -1.55 13.11
N ASP A 101 9.56 -0.91 12.99
CA ASP A 101 8.32 -1.63 12.70
C ASP A 101 8.14 -1.94 11.22
N GLY A 102 9.25 -2.16 10.53
CA GLY A 102 9.21 -2.49 9.12
C GLY A 102 8.78 -1.41 8.15
N ASN A 103 8.34 -0.27 8.67
CA ASN A 103 7.90 0.83 7.81
C ASN A 103 9.00 1.37 6.88
N GLY A 104 10.25 1.05 7.20
CA GLY A 104 11.37 1.52 6.40
C GLY A 104 11.40 3.03 6.28
N MET A 105 12.46 3.57 5.70
CA MET A 105 12.56 5.01 5.55
C MET A 105 11.61 5.49 4.45
N ASN A 106 11.02 4.54 3.72
CA ASN A 106 10.07 4.84 2.68
C ASN A 106 8.85 5.53 3.29
N ALA A 107 8.71 5.40 4.61
CA ALA A 107 7.61 6.02 5.34
C ALA A 107 7.63 7.55 5.32
N TRP A 108 8.79 8.14 5.06
CA TRP A 108 8.94 9.59 5.00
C TRP A 108 8.81 10.09 3.57
N VAL A 109 7.79 10.91 3.31
CA VAL A 109 7.58 11.42 1.98
C VAL A 109 8.79 12.17 1.41
N ALA A 110 9.47 12.96 2.24
CA ALA A 110 10.64 13.69 1.79
C ALA A 110 11.78 12.74 1.44
N TRP A 111 11.97 11.71 2.27
CA TRP A 111 13.04 10.75 2.00
C TRP A 111 12.75 10.05 0.68
N ARG A 112 11.50 9.65 0.48
CA ARG A 112 11.10 8.97 -0.75
C ARG A 112 11.32 9.84 -1.99
N ASN A 113 10.94 11.11 -1.92
CA ASN A 113 11.08 12.01 -3.06
C ASN A 113 12.39 12.78 -3.22
N ARG A 114 13.23 12.82 -2.18
CA ARG A 114 14.47 13.57 -2.27
C ARG A 114 15.74 12.82 -1.88
N CYS A 115 15.60 11.70 -1.18
CA CYS A 115 16.78 10.97 -0.73
C CYS A 115 16.94 9.61 -1.36
N LYS A 116 15.83 8.89 -1.51
CA LYS A 116 15.86 7.56 -2.10
C LYS A 116 16.62 7.58 -3.41
N GLY A 117 17.57 6.66 -3.56
CA GLY A 117 18.35 6.56 -4.77
C GLY A 117 19.38 7.65 -5.05
N THR A 118 19.66 8.51 -4.07
CA THR A 118 20.65 9.56 -4.28
C THR A 118 21.94 9.25 -3.53
N ASP A 119 22.90 10.19 -3.63
CA ASP A 119 24.19 10.06 -2.96
C ASP A 119 24.02 10.54 -1.51
N VAL A 120 23.22 9.81 -0.74
CA VAL A 120 22.94 10.17 0.64
C VAL A 120 24.18 10.35 1.50
N GLN A 121 25.23 9.60 1.22
CA GLN A 121 26.47 9.70 1.98
C GLN A 121 27.00 11.14 1.99
N ALA A 122 26.75 11.88 0.91
CA ALA A 122 27.20 13.25 0.80
C ALA A 122 26.73 14.12 1.95
N TRP A 123 25.60 13.75 2.55
CA TRP A 123 25.06 14.53 3.65
C TRP A 123 25.82 14.48 4.97
N ILE A 124 26.83 13.60 5.05
CA ILE A 124 27.66 13.49 6.26
C ILE A 124 29.11 13.80 5.94
N ARG A 125 29.40 14.07 4.67
CA ARG A 125 30.76 14.37 4.28
C ARG A 125 31.20 15.77 4.69
N GLY A 126 32.49 15.88 4.99
CA GLY A 126 33.07 17.13 5.42
C GLY A 126 32.81 17.38 6.89
N CYS A 127 31.98 16.53 7.49
CA CYS A 127 31.58 16.65 8.88
C CYS A 127 32.55 16.18 9.94
N ARG A 128 33.43 15.24 9.58
CA ARG A 128 34.39 14.66 10.51
C ARG A 128 33.68 14.11 11.77
N LEU A 129 32.79 13.15 11.56
CA LEU A 129 32.04 12.56 12.66
C LEU A 129 32.95 11.92 13.70
N LYS B 1 -31.75 16.13 -17.89
CA LYS B 1 -31.62 14.65 -18.01
C LYS B 1 -31.57 13.98 -16.65
N GLN B 2 -31.12 12.74 -16.60
CA GLN B 2 -31.04 11.99 -15.35
C GLN B 2 -29.62 11.87 -14.80
N ALA B 3 -29.53 11.29 -13.62
CA ALA B 3 -28.26 11.07 -12.95
C ALA B 3 -28.52 10.25 -11.70
N GLN B 4 -27.81 9.14 -11.56
CA GLN B 4 -27.96 8.28 -10.40
C GLN B 4 -26.63 8.16 -9.68
N VAL B 5 -26.67 8.24 -8.35
CA VAL B 5 -25.46 8.16 -7.54
C VAL B 5 -25.58 7.13 -6.42
N ASP B 6 -24.55 6.32 -6.26
CA ASP B 6 -24.51 5.31 -5.21
C ASP B 6 -23.71 5.89 -4.03
N TYR B 7 -24.19 5.65 -2.81
CA TYR B 7 -23.54 6.17 -1.62
C TYR B 7 -23.17 5.08 -0.63
N LEU B 8 -21.99 5.20 -0.03
CA LEU B 8 -21.52 4.24 0.96
C LEU B 8 -21.63 4.88 2.33
N ALA B 9 -22.10 4.13 3.31
CA ALA B 9 -22.23 4.66 4.66
C ALA B 9 -20.87 4.55 5.34
N LEU B 10 -20.38 5.67 5.87
CA LEU B 10 -19.10 5.67 6.57
C LEU B 10 -19.36 5.25 8.02
N PRO B 11 -18.59 4.29 8.53
CA PRO B 11 -18.73 3.77 9.89
C PRO B 11 -18.46 4.73 11.06
N GLY B 12 -19.16 4.51 12.17
CA GLY B 12 -18.99 5.32 13.35
C GLY B 12 -19.81 6.59 13.42
N ASP B 13 -19.82 7.19 14.60
CA ASP B 13 -20.59 8.41 14.85
C ASP B 13 -19.69 9.64 14.91
N ALA B 14 -18.41 9.47 14.56
CA ALA B 14 -17.48 10.59 14.58
C ALA B 14 -17.94 11.66 13.58
N LYS B 15 -17.56 12.90 13.85
CA LYS B 15 -17.90 14.01 12.98
C LYS B 15 -17.20 13.87 11.63
N LEU B 16 -17.94 14.13 10.56
CA LEU B 16 -17.37 14.04 9.21
C LEU B 16 -16.94 15.42 8.73
N ASP B 17 -15.73 15.48 8.16
CA ASP B 17 -15.20 16.72 7.62
C ASP B 17 -14.89 16.54 6.14
N THR B 18 -15.54 17.34 5.31
CA THR B 18 -15.36 17.23 3.86
C THR B 18 -14.76 18.49 3.26
N ARG B 19 -13.86 18.31 2.30
CA ARG B 19 -13.21 19.44 1.67
C ARG B 19 -12.77 19.13 0.24
N SER B 20 -13.02 20.07 -0.67
CA SER B 20 -12.63 19.91 -2.06
C SER B 20 -11.42 20.79 -2.32
N VAL B 21 -10.40 20.25 -2.96
CA VAL B 21 -9.20 21.02 -3.24
C VAL B 21 -8.80 20.90 -4.71
N ASP B 22 -8.50 22.03 -5.33
CA ASP B 22 -8.09 22.05 -6.72
C ASP B 22 -6.57 22.00 -6.80
N TYR B 23 -6.06 21.22 -7.75
CA TYR B 23 -4.62 21.07 -7.93
C TYR B 23 -4.23 21.28 -9.38
N LYS B 24 -2.93 21.40 -9.59
CA LYS B 24 -2.34 21.55 -10.91
C LYS B 24 -1.02 20.81 -10.76
N CYS B 25 -0.78 19.86 -11.65
CA CYS B 25 0.45 19.07 -11.58
C CYS B 25 1.45 19.48 -12.64
N GLU B 26 2.67 18.99 -12.46
CA GLU B 26 3.79 19.28 -13.36
C GLU B 26 3.62 18.79 -14.80
N ASN B 27 2.52 18.09 -15.09
CA ASN B 27 2.29 17.58 -16.44
C ASN B 27 1.14 18.32 -17.13
N GLY B 28 0.74 19.43 -16.52
CA GLY B 28 -0.33 20.23 -17.07
C GLY B 28 -1.69 19.91 -16.48
N ARG B 29 -1.91 18.65 -16.12
CA ARG B 29 -3.18 18.24 -15.56
C ARG B 29 -3.69 19.17 -14.47
N LYS B 30 -5.00 19.32 -14.42
CA LYS B 30 -5.67 20.15 -13.43
C LYS B 30 -6.95 19.43 -13.04
N PHE B 31 -7.10 19.15 -11.76
CA PHE B 31 -8.28 18.45 -11.26
C PHE B 31 -8.61 18.86 -9.85
N THR B 32 -9.67 18.27 -9.31
CA THR B 32 -10.13 18.56 -7.96
C THR B 32 -10.26 17.26 -7.18
N VAL B 33 -9.82 17.30 -5.93
CA VAL B 33 -9.87 16.13 -5.06
C VAL B 33 -10.82 16.37 -3.90
N GLN B 34 -11.51 15.32 -3.46
CA GLN B 34 -12.39 15.47 -2.33
C GLN B 34 -11.81 14.69 -1.16
N TYR B 35 -11.61 15.38 -0.04
CA TYR B 35 -11.07 14.74 1.14
C TYR B 35 -12.17 14.49 2.13
N LEU B 36 -12.18 13.30 2.71
CA LEU B 36 -13.18 12.93 3.70
C LEU B 36 -12.49 12.35 4.93
N ASN B 37 -12.66 13.02 6.06
CA ASN B 37 -12.06 12.60 7.32
C ASN B 37 -13.16 12.36 8.35
N LYS B 38 -13.26 11.12 8.81
CA LYS B 38 -14.27 10.74 9.80
C LYS B 38 -13.70 9.67 10.73
N GLY B 39 -13.31 10.06 11.93
CA GLY B 39 -12.77 9.09 12.88
C GLY B 39 -11.52 8.41 12.36
N ASP B 40 -11.51 7.09 12.41
CA ASP B 40 -10.35 6.32 11.94
C ASP B 40 -10.21 6.31 10.43
N ASN B 41 -11.27 6.72 9.74
CA ASN B 41 -11.24 6.72 8.29
C ASN B 41 -10.91 8.07 7.71
N SER B 42 -10.09 8.04 6.67
CA SER B 42 -9.67 9.24 5.97
C SER B 42 -9.53 8.83 4.50
N LEU B 43 -10.29 9.49 3.63
CA LEU B 43 -10.25 9.14 2.22
C LEU B 43 -9.98 10.33 1.33
N ALA B 44 -9.62 10.03 0.09
CA ALA B 44 -9.34 11.03 -0.92
C ALA B 44 -9.84 10.47 -2.24
N VAL B 45 -10.79 11.18 -2.84
CA VAL B 45 -11.36 10.77 -4.11
C VAL B 45 -10.57 11.52 -5.16
N VAL B 46 -9.79 10.78 -5.94
CA VAL B 46 -8.93 11.40 -6.92
C VAL B 46 -9.11 10.95 -8.35
N PRO B 47 -9.23 11.91 -9.27
CA PRO B 47 -9.37 11.52 -10.68
C PRO B 47 -7.95 11.36 -11.20
N VAL B 48 -7.47 10.12 -11.20
CA VAL B 48 -6.12 9.82 -11.66
C VAL B 48 -5.98 10.08 -13.15
N SER B 49 -7.12 10.29 -13.80
CA SER B 49 -7.15 10.58 -15.23
C SER B 49 -8.52 11.14 -15.60
N ASP B 50 -8.70 11.47 -16.87
CA ASP B 50 -9.95 12.04 -17.35
C ASP B 50 -11.15 11.08 -17.25
N ASN B 51 -10.91 9.77 -17.33
CA ASN B 51 -12.00 8.80 -17.25
C ASN B 51 -11.89 7.82 -16.08
N SER B 52 -11.00 8.08 -15.14
CA SER B 52 -10.85 7.20 -14.00
C SER B 52 -10.62 7.99 -12.71
N THR B 53 -11.58 7.87 -11.80
CA THR B 53 -11.53 8.55 -10.50
C THR B 53 -11.60 7.47 -9.44
N LEU B 54 -10.58 7.44 -8.58
CA LEU B 54 -10.47 6.43 -7.54
C LEU B 54 -10.68 6.92 -6.11
N VAL B 55 -11.26 6.05 -5.29
CA VAL B 55 -11.47 6.34 -3.89
C VAL B 55 -10.24 5.81 -3.18
N PHE B 56 -9.34 6.70 -2.75
CA PHE B 56 -8.12 6.30 -2.06
C PHE B 56 -8.36 6.24 -0.55
N SER B 57 -7.71 5.29 0.10
CA SER B 57 -7.85 5.17 1.55
C SER B 57 -6.51 5.52 2.20
N ASN B 58 -6.57 6.30 3.27
CA ASN B 58 -5.38 6.72 3.99
C ASN B 58 -4.65 5.51 4.59
N VAL B 59 -3.34 5.43 4.33
CA VAL B 59 -2.52 4.34 4.86
C VAL B 59 -1.39 4.92 5.72
N ILE B 60 -0.83 4.09 6.59
CA ILE B 60 0.22 4.51 7.50
C ILE B 60 1.49 5.05 6.84
N SER B 61 2.02 6.11 7.41
CA SER B 61 3.27 6.73 6.94
C SER B 61 3.88 7.50 8.11
N ALA B 62 5.12 7.94 7.93
CA ALA B 62 5.79 8.70 8.97
C ALA B 62 5.41 10.17 8.85
N SER B 63 5.43 10.68 7.62
CA SER B 63 5.10 12.07 7.35
C SER B 63 4.09 12.23 6.23
N GLY B 64 3.37 13.35 6.25
CA GLY B 64 2.38 13.64 5.24
C GLY B 64 1.13 12.78 5.33
N ALA B 65 0.26 12.92 4.36
CA ALA B 65 -0.98 12.13 4.32
C ALA B 65 -0.88 11.25 3.09
N LYS B 66 -0.61 9.97 3.32
CA LYS B 66 -0.48 9.00 2.24
C LYS B 66 -1.77 8.23 2.03
N TYR B 67 -2.20 8.12 0.77
CA TYR B 67 -3.43 7.44 0.40
C TYR B 67 -3.14 6.41 -0.70
N ALA B 68 -3.87 5.29 -0.67
CA ALA B 68 -3.67 4.24 -1.65
C ALA B 68 -4.93 3.76 -2.36
N ALA B 69 -4.77 3.38 -3.62
CA ALA B 69 -5.87 2.86 -4.44
C ALA B 69 -5.31 2.35 -5.76
N GLY B 70 -5.81 1.20 -6.22
CA GLY B 70 -5.34 0.64 -7.47
C GLY B 70 -3.84 0.53 -7.49
N GLN B 71 -3.21 0.98 -8.57
CA GLN B 71 -1.75 0.95 -8.65
C GLN B 71 -1.16 2.31 -8.30
N TYR B 72 -2.00 3.18 -7.75
CA TYR B 72 -1.57 4.53 -7.40
C TYR B 72 -1.41 4.82 -5.91
N ILE B 73 -0.61 5.83 -5.63
CA ILE B 73 -0.36 6.32 -4.29
C ILE B 73 -0.49 7.84 -4.42
N TRP B 74 -1.34 8.43 -3.60
CA TRP B 74 -1.55 9.88 -3.59
C TRP B 74 -1.03 10.30 -2.22
N TRP B 75 0.11 10.98 -2.20
CA TRP B 75 0.74 11.40 -0.96
C TRP B 75 0.83 12.92 -0.86
N THR B 76 0.12 13.49 0.11
CA THR B 76 0.11 14.93 0.28
C THR B 76 0.94 15.38 1.47
N LYS B 77 1.50 16.58 1.35
CA LYS B 77 2.33 17.20 2.38
C LYS B 77 2.00 18.68 2.29
N GLY B 78 1.17 19.17 3.21
CA GLY B 78 0.79 20.56 3.16
C GLY B 78 0.01 20.78 1.87
N GLU B 79 0.30 21.86 1.17
CA GLU B 79 -0.38 22.19 -0.09
C GLU B 79 0.17 21.40 -1.27
N GLU B 80 1.21 20.63 -1.03
CA GLU B 80 1.85 19.84 -2.09
C GLU B 80 1.35 18.40 -2.13
N ALA B 81 1.56 17.73 -3.25
CA ALA B 81 1.14 16.35 -3.38
C ALA B 81 1.95 15.63 -4.46
N THR B 82 1.97 14.31 -4.40
CA THR B 82 2.68 13.51 -5.38
C THR B 82 1.83 12.30 -5.74
N LEU B 83 1.65 12.07 -7.04
CA LEU B 83 0.87 10.93 -7.51
C LEU B 83 1.82 9.91 -8.10
N TYR B 84 1.93 8.74 -7.48
CA TYR B 84 2.82 7.70 -7.96
C TYR B 84 1.97 6.62 -8.63
N GLY B 85 2.47 6.08 -9.74
CA GLY B 85 1.75 5.03 -10.44
C GLY B 85 1.45 5.39 -11.88
N ASP B 86 1.32 4.36 -12.72
CA ASP B 86 1.02 4.55 -14.14
C ASP B 86 -0.27 3.84 -14.51
N GLY B 95 7.24 9.90 -9.41
CA GLY B 95 5.89 10.40 -9.20
C GLY B 95 5.69 11.80 -9.76
N VAL B 96 4.42 12.15 -9.97
CA VAL B 96 4.04 13.46 -10.51
C VAL B 96 3.84 14.44 -9.36
N ALA B 97 4.46 15.62 -9.47
CA ALA B 97 4.35 16.65 -8.44
C ALA B 97 3.20 17.63 -8.70
N CYS B 98 2.35 17.84 -7.69
CA CYS B 98 1.21 18.72 -7.81
C CYS B 98 1.16 19.74 -6.68
N LYS B 99 0.51 20.87 -6.94
CA LYS B 99 0.38 21.95 -5.97
C LYS B 99 -1.10 22.31 -5.85
N GLU B 100 -1.51 22.78 -4.68
CA GLU B 100 -2.89 23.20 -4.50
C GLU B 100 -3.11 24.45 -5.37
N ARG B 101 -4.24 24.47 -6.07
CA ARG B 101 -4.68 25.55 -6.97
C ARG B 101 -5.25 24.99 -8.26
N LYS C 1 -3.48 -29.30 -17.93
CA LYS C 1 -2.25 -30.02 -17.53
C LYS C 1 -1.73 -29.64 -16.14
N VAL C 2 -1.35 -30.64 -15.37
CA VAL C 2 -0.80 -30.42 -14.05
C VAL C 2 0.71 -30.68 -14.22
N PHE C 3 1.51 -29.63 -14.13
CA PHE C 3 2.95 -29.77 -14.27
C PHE C 3 3.53 -30.50 -13.08
N GLY C 4 4.61 -31.24 -13.32
CA GLY C 4 5.29 -31.91 -12.24
C GLY C 4 6.23 -30.80 -11.74
N ARG C 5 6.70 -30.90 -10.50
CA ARG C 5 7.58 -29.88 -9.94
C ARG C 5 8.83 -29.62 -10.75
N CYS C 6 9.61 -30.66 -10.98
CA CYS C 6 10.84 -30.54 -11.72
C CYS C 6 10.55 -30.25 -13.18
N GLU C 7 9.44 -30.79 -13.68
CA GLU C 7 9.06 -30.55 -15.06
C GLU C 7 8.82 -29.06 -15.24
N LEU C 8 8.20 -28.45 -14.23
CA LEU C 8 7.90 -27.02 -14.24
C LEU C 8 9.16 -26.18 -14.14
N ALA C 9 10.06 -26.57 -13.24
CA ALA C 9 11.32 -25.86 -13.02
C ALA C 9 12.16 -25.75 -14.29
N ALA C 10 12.19 -26.83 -15.06
CA ALA C 10 12.97 -26.86 -16.30
C ALA C 10 12.39 -25.90 -17.33
N ALA C 11 11.05 -25.87 -17.41
CA ALA C 11 10.37 -24.99 -18.36
C ALA C 11 10.61 -23.53 -17.98
N MET C 12 10.49 -23.23 -16.70
CA MET C 12 10.70 -21.86 -16.22
C MET C 12 12.15 -21.43 -16.43
N LYS C 13 13.08 -22.35 -16.31
CA LYS C 13 14.49 -22.04 -16.52
C LYS C 13 14.75 -21.66 -17.98
N ARG C 14 14.12 -22.37 -18.90
CA ARG C 14 14.25 -22.10 -20.32
C ARG C 14 13.73 -20.70 -20.67
N HIS C 15 12.78 -20.20 -19.89
CA HIS C 15 12.24 -18.87 -20.17
C HIS C 15 13.12 -17.78 -19.61
N GLY C 16 14.00 -18.14 -18.68
CA GLY C 16 14.92 -17.17 -18.11
C GLY C 16 14.48 -16.63 -16.77
N LEU C 17 13.65 -17.39 -16.07
CA LEU C 17 13.18 -16.95 -14.77
C LEU C 17 14.22 -16.96 -13.66
N ASP C 18 15.24 -17.81 -13.80
CA ASP C 18 16.28 -17.88 -12.77
C ASP C 18 17.05 -16.56 -12.73
N ASN C 19 16.90 -15.87 -11.60
CA ASN C 19 17.53 -14.58 -11.35
C ASN C 19 16.85 -13.48 -12.14
N TYR C 20 15.66 -13.77 -12.67
CA TYR C 20 14.94 -12.72 -13.40
C TYR C 20 14.60 -11.66 -12.37
N ARG C 21 15.08 -10.44 -12.58
CA ARG C 21 14.84 -9.36 -11.63
C ARG C 21 15.37 -9.71 -10.24
N GLY C 22 16.38 -10.57 -10.19
CA GLY C 22 16.97 -10.96 -8.92
C GLY C 22 16.24 -12.03 -8.15
N TYR C 23 15.29 -12.71 -8.79
CA TYR C 23 14.54 -13.77 -8.13
C TYR C 23 14.99 -15.15 -8.60
N SER C 24 15.64 -15.89 -7.71
CA SER C 24 16.12 -17.23 -8.06
C SER C 24 14.96 -18.12 -8.52
N LEU C 25 15.28 -19.10 -9.34
CA LEU C 25 14.29 -20.03 -9.91
C LEU C 25 13.29 -20.59 -8.90
N GLY C 26 13.78 -20.97 -7.73
CA GLY C 26 12.91 -21.54 -6.71
C GLY C 26 11.68 -20.74 -6.31
N ASN C 27 11.77 -19.41 -6.32
CA ASN C 27 10.66 -18.53 -5.97
C ASN C 27 9.48 -18.70 -6.93
N TRP C 28 9.80 -18.85 -8.22
CA TRP C 28 8.77 -19.00 -9.25
C TRP C 28 8.08 -20.34 -9.19
N VAL C 29 8.82 -21.39 -8.89
CA VAL C 29 8.24 -22.72 -8.79
C VAL C 29 7.41 -22.78 -7.51
N CYS C 30 7.91 -22.11 -6.47
CA CYS C 30 7.23 -22.08 -5.17
C CYS C 30 5.89 -21.37 -5.28
N ALA C 31 5.88 -20.23 -5.96
CA ALA C 31 4.65 -19.45 -6.14
C ALA C 31 3.59 -20.24 -6.91
N ALA C 32 4.02 -21.00 -7.91
CA ALA C 32 3.08 -21.81 -8.70
C ALA C 32 2.46 -22.91 -7.82
N LYS C 33 3.30 -23.57 -7.06
CA LYS C 33 2.87 -24.64 -6.17
C LYS C 33 1.74 -24.22 -5.24
N PHE C 34 1.92 -23.08 -4.57
CA PHE C 34 0.90 -22.61 -3.65
C PHE C 34 -0.21 -21.78 -4.28
N GLU C 35 0.03 -21.24 -5.46
CA GLU C 35 -1.01 -20.47 -6.14
C GLU C 35 -1.96 -21.42 -6.86
N SER C 36 -1.41 -22.43 -7.54
CA SER C 36 -2.22 -23.36 -8.32
C SER C 36 -1.92 -24.83 -8.11
N ASN C 37 -0.81 -25.15 -7.46
CA ASN C 37 -0.43 -26.53 -7.25
C ASN C 37 -0.06 -27.16 -8.61
N PHE C 38 0.58 -26.33 -9.44
CA PHE C 38 1.06 -26.70 -10.78
C PHE C 38 0.01 -27.00 -11.84
N ASN C 39 -1.26 -26.70 -11.54
CA ASN C 39 -2.34 -26.93 -12.47
C ASN C 39 -2.53 -25.70 -13.38
N THR C 40 -2.28 -25.86 -14.67
CA THR C 40 -2.40 -24.76 -15.63
C THR C 40 -3.82 -24.31 -15.91
N GLN C 41 -4.81 -25.07 -15.44
CA GLN C 41 -6.20 -24.73 -15.66
C GLN C 41 -6.92 -24.19 -14.42
N ALA C 42 -6.18 -23.97 -13.35
CA ALA C 42 -6.75 -23.46 -12.11
C ALA C 42 -7.37 -22.08 -12.27
N THR C 43 -8.50 -21.87 -11.62
CA THR C 43 -9.21 -20.59 -11.65
C THR C 43 -9.86 -20.39 -10.29
N ASN C 44 -9.83 -19.16 -9.78
CA ASN C 44 -10.42 -18.86 -8.48
C ASN C 44 -11.08 -17.49 -8.45
N ARG C 45 -12.35 -17.45 -8.05
CA ARG C 45 -13.07 -16.20 -7.99
C ARG C 45 -12.73 -15.44 -6.71
N ASN C 46 -12.71 -14.11 -6.80
CA ASN C 46 -12.39 -13.29 -5.64
C ASN C 46 -13.52 -12.33 -5.25
N THR C 47 -13.41 -11.80 -4.03
CA THR C 47 -14.38 -10.88 -3.47
C THR C 47 -14.57 -9.57 -4.25
N ASP C 48 -13.59 -9.18 -5.05
CA ASP C 48 -13.71 -7.93 -5.81
C ASP C 48 -14.36 -8.18 -7.17
N GLY C 49 -14.83 -9.40 -7.39
CA GLY C 49 -15.46 -9.73 -8.65
C GLY C 49 -14.49 -10.19 -9.72
N SER C 50 -13.22 -10.32 -9.36
CA SER C 50 -12.21 -10.76 -10.33
C SER C 50 -12.01 -12.26 -10.18
N THR C 51 -11.20 -12.82 -11.07
CA THR C 51 -10.89 -14.25 -11.05
C THR C 51 -9.40 -14.40 -11.33
N ASP C 52 -8.74 -15.37 -10.69
CA ASP C 52 -7.31 -15.60 -10.92
C ASP C 52 -7.19 -16.78 -11.88
N TYR C 53 -6.36 -16.64 -12.91
CA TYR C 53 -6.22 -17.69 -13.92
C TYR C 53 -4.85 -18.34 -14.14
N GLY C 54 -4.86 -19.64 -14.33
CA GLY C 54 -3.64 -20.35 -14.64
C GLY C 54 -2.70 -20.80 -13.54
N ILE C 55 -1.58 -21.35 -13.98
CA ILE C 55 -0.56 -21.87 -13.09
C ILE C 55 0.05 -20.82 -12.18
N LEU C 56 -0.08 -19.54 -12.56
CA LEU C 56 0.45 -18.47 -11.72
C LEU C 56 -0.67 -17.58 -11.20
N GLN C 57 -1.91 -18.04 -11.39
CA GLN C 57 -3.09 -17.33 -10.91
C GLN C 57 -3.11 -15.82 -11.17
N ILE C 58 -2.99 -15.46 -12.45
CA ILE C 58 -2.98 -14.06 -12.86
C ILE C 58 -4.39 -13.48 -12.73
N ASN C 59 -4.48 -12.31 -12.10
CA ASN C 59 -5.74 -11.62 -11.82
C ASN C 59 -6.47 -10.91 -12.97
N SER C 60 -7.78 -11.12 -13.05
CA SER C 60 -8.61 -10.53 -14.11
C SER C 60 -8.96 -9.06 -13.94
N ARG C 61 -8.67 -8.47 -12.79
CA ARG C 61 -8.97 -7.04 -12.62
C ARG C 61 -7.77 -6.21 -13.06
N TRP C 62 -6.58 -6.68 -12.72
CA TRP C 62 -5.37 -5.93 -13.04
C TRP C 62 -4.58 -6.32 -14.26
N TRP C 63 -4.52 -7.62 -14.56
CA TRP C 63 -3.68 -8.06 -15.65
C TRP C 63 -4.29 -8.62 -16.93
N CYS C 64 -5.29 -9.49 -16.83
CA CYS C 64 -5.90 -10.05 -18.04
C CYS C 64 -7.38 -9.70 -18.10
N ASN C 65 -7.99 -9.93 -19.26
CA ASN C 65 -9.41 -9.62 -19.45
C ASN C 65 -10.28 -10.85 -19.66
N ASP C 66 -11.17 -11.12 -18.73
CA ASP C 66 -12.05 -12.27 -18.85
C ASP C 66 -13.47 -11.81 -19.23
N GLY C 67 -13.58 -10.54 -19.59
CA GLY C 67 -14.86 -9.97 -20.00
C GLY C 67 -16.00 -10.02 -19.00
N ARG C 68 -15.70 -10.26 -17.73
CA ARG C 68 -16.75 -10.33 -16.72
C ARG C 68 -16.31 -9.70 -15.40
N THR C 69 -15.21 -8.97 -15.42
CA THR C 69 -14.69 -8.33 -14.22
C THR C 69 -14.82 -6.83 -14.36
N PRO C 70 -15.45 -6.18 -13.37
CA PRO C 70 -15.64 -4.72 -13.38
C PRO C 70 -14.34 -3.93 -13.19
N GLY C 71 -14.22 -2.83 -13.91
CA GLY C 71 -13.02 -2.01 -13.78
C GLY C 71 -11.74 -2.72 -14.21
N SER C 72 -11.83 -3.52 -15.26
CA SER C 72 -10.66 -4.25 -15.74
C SER C 72 -9.61 -3.32 -16.33
N ARG C 73 -8.35 -3.50 -15.91
CA ARG C 73 -7.22 -2.71 -16.38
C ARG C 73 -6.43 -3.44 -17.49
N ASN C 74 -6.51 -4.77 -17.48
CA ASN C 74 -5.84 -5.59 -18.48
C ASN C 74 -4.43 -5.09 -18.83
N LEU C 75 -3.58 -4.89 -17.82
CA LEU C 75 -2.22 -4.39 -18.03
C LEU C 75 -1.30 -5.32 -18.82
N CYS C 76 -1.69 -6.58 -19.00
CA CYS C 76 -0.88 -7.49 -19.80
C CYS C 76 -1.54 -7.59 -21.19
N ASN C 77 -2.57 -6.78 -21.41
CA ASN C 77 -3.31 -6.75 -22.67
C ASN C 77 -3.52 -8.14 -23.22
N ILE C 78 -4.12 -9.02 -22.42
CA ILE C 78 -4.32 -10.39 -22.88
C ILE C 78 -5.61 -10.99 -22.32
N PRO C 79 -6.28 -11.84 -23.11
CA PRO C 79 -7.52 -12.45 -22.61
C PRO C 79 -7.13 -13.54 -21.62
N CYS C 80 -7.80 -13.58 -20.47
CA CYS C 80 -7.49 -14.56 -19.46
C CYS C 80 -7.56 -16.01 -19.99
N SER C 81 -8.38 -16.22 -21.03
CA SER C 81 -8.49 -17.56 -21.61
C SER C 81 -7.17 -18.00 -22.22
N ALA C 82 -6.34 -17.04 -22.64
CA ALA C 82 -5.05 -17.36 -23.22
C ALA C 82 -4.02 -17.76 -22.17
N LEU C 83 -4.42 -17.71 -20.90
CA LEU C 83 -3.52 -18.05 -19.82
C LEU C 83 -3.79 -19.45 -19.27
N LEU C 84 -4.56 -20.25 -20.01
CA LEU C 84 -4.90 -21.60 -19.56
C LEU C 84 -4.36 -22.70 -20.46
N SER C 85 -3.22 -22.44 -21.09
CA SER C 85 -2.58 -23.40 -21.97
C SER C 85 -1.64 -24.30 -21.17
N SER C 86 -1.34 -25.48 -21.70
CA SER C 86 -0.41 -26.39 -21.00
C SER C 86 0.99 -25.85 -21.23
N ASP C 87 1.09 -24.85 -22.09
CA ASP C 87 2.35 -24.17 -22.41
C ASP C 87 2.31 -22.92 -21.52
N ILE C 88 3.25 -22.78 -20.59
CA ILE C 88 3.23 -21.64 -19.69
C ILE C 88 3.76 -20.31 -20.22
N THR C 89 4.06 -20.24 -21.52
CA THR C 89 4.59 -19.03 -22.12
C THR C 89 3.81 -17.76 -21.75
N ALA C 90 2.55 -17.69 -22.14
CA ALA C 90 1.72 -16.52 -21.84
C ALA C 90 1.81 -16.11 -20.37
N SER C 91 1.72 -17.09 -19.48
CA SER C 91 1.79 -16.83 -18.05
C SER C 91 3.14 -16.28 -17.62
N VAL C 92 4.20 -16.86 -18.15
CA VAL C 92 5.55 -16.42 -17.81
C VAL C 92 5.81 -14.98 -18.26
N ASN C 93 5.34 -14.66 -19.47
CA ASN C 93 5.53 -13.32 -20.03
C ASN C 93 4.78 -12.25 -19.25
N CYS C 94 3.55 -12.54 -18.84
CA CYS C 94 2.80 -11.58 -18.06
C CYS C 94 3.40 -11.48 -16.67
N ALA C 95 3.91 -12.60 -16.16
CA ALA C 95 4.54 -12.62 -14.84
C ALA C 95 5.82 -11.80 -14.89
N LYS C 96 6.49 -11.82 -16.04
CA LYS C 96 7.71 -11.03 -16.18
C LYS C 96 7.38 -9.55 -16.13
N LYS C 97 6.29 -9.16 -16.76
CA LYS C 97 5.90 -7.75 -16.76
C LYS C 97 5.49 -7.32 -15.35
N ILE C 98 4.71 -8.16 -14.67
CA ILE C 98 4.26 -7.88 -13.31
C ILE C 98 5.45 -7.59 -12.40
N VAL C 99 6.46 -8.44 -12.46
CA VAL C 99 7.63 -8.26 -11.62
C VAL C 99 8.56 -7.18 -12.20
N SER C 100 8.54 -7.04 -13.51
CA SER C 100 9.38 -6.03 -14.17
C SER C 100 8.87 -4.63 -13.82
N ASP C 101 7.57 -4.53 -13.56
CA ASP C 101 6.97 -3.24 -13.22
C ASP C 101 7.09 -2.94 -11.72
N GLY C 102 8.14 -3.46 -11.11
CA GLY C 102 8.38 -3.22 -9.69
C GLY C 102 7.40 -3.78 -8.68
N ASN C 103 6.40 -4.52 -9.14
CA ASN C 103 5.41 -5.09 -8.23
C ASN C 103 6.04 -6.19 -7.36
N GLY C 104 7.25 -6.61 -7.72
CA GLY C 104 7.93 -7.65 -6.96
C GLY C 104 7.11 -8.92 -6.86
N MET C 105 7.72 -9.99 -6.34
CA MET C 105 6.99 -11.23 -6.18
C MET C 105 6.00 -11.11 -5.03
N ASN C 106 6.09 -10.00 -4.30
CA ASN C 106 5.18 -9.71 -3.19
C ASN C 106 3.76 -9.54 -3.72
N ALA C 107 3.65 -9.38 -5.04
CA ALA C 107 2.36 -9.21 -5.69
C ALA C 107 1.50 -10.48 -5.64
N TRP C 108 2.14 -11.63 -5.43
CA TRP C 108 1.41 -12.91 -5.35
C TRP C 108 1.12 -13.24 -3.91
N VAL C 109 -0.16 -13.37 -3.58
CA VAL C 109 -0.55 -13.68 -2.21
C VAL C 109 0.06 -15.00 -1.72
N ALA C 110 0.10 -16.02 -2.58
CA ALA C 110 0.68 -17.30 -2.19
C ALA C 110 2.17 -17.19 -1.92
N TRP C 111 2.88 -16.45 -2.76
CA TRP C 111 4.32 -16.29 -2.56
C TRP C 111 4.55 -15.59 -1.22
N ARG C 112 3.80 -14.53 -0.98
CA ARG C 112 3.92 -13.76 0.26
C ARG C 112 3.64 -14.59 1.51
N ASN C 113 2.63 -15.44 1.47
CA ASN C 113 2.28 -16.26 2.64
C ASN C 113 2.92 -17.64 2.74
N ARG C 114 3.48 -18.16 1.65
CA ARG C 114 4.08 -19.49 1.70
C ARG C 114 5.51 -19.61 1.21
N CYS C 115 5.99 -18.59 0.50
CA CYS C 115 7.35 -18.66 -0.03
C CYS C 115 8.33 -17.67 0.55
N LYS C 116 7.89 -16.43 0.74
CA LYS C 116 8.75 -15.38 1.29
C LYS C 116 9.38 -15.84 2.60
N GLY C 117 10.70 -15.67 2.70
CA GLY C 117 11.40 -16.07 3.90
C GLY C 117 11.61 -17.56 4.09
N THR C 118 11.26 -18.39 3.11
CA THR C 118 11.46 -19.82 3.25
C THR C 118 12.64 -20.29 2.42
N ASP C 119 12.89 -21.60 2.45
CA ASP C 119 13.97 -22.21 1.70
C ASP C 119 13.47 -22.47 0.28
N VAL C 120 13.43 -21.42 -0.55
CA VAL C 120 12.93 -21.55 -1.91
C VAL C 120 13.81 -22.35 -2.85
N GLN C 121 15.11 -22.37 -2.58
CA GLN C 121 16.04 -23.13 -3.43
C GLN C 121 15.62 -24.60 -3.44
N ALA C 122 14.96 -25.03 -2.36
CA ALA C 122 14.50 -26.40 -2.24
C ALA C 122 13.55 -26.83 -3.35
N TRP C 123 12.77 -25.89 -3.86
CA TRP C 123 11.81 -26.22 -4.90
C TRP C 123 12.39 -26.61 -6.28
N ILE C 124 13.71 -26.45 -6.43
CA ILE C 124 14.35 -26.85 -7.69
C ILE C 124 15.38 -27.94 -7.44
N ARG C 125 15.50 -28.36 -6.19
CA ARG C 125 16.45 -29.41 -5.87
C ARG C 125 16.02 -30.81 -6.27
N GLY C 126 17.01 -31.60 -6.65
CA GLY C 126 16.78 -32.96 -7.08
C GLY C 126 16.24 -33.00 -8.49
N CYS C 127 16.17 -31.82 -9.12
CA CYS C 127 15.61 -31.71 -10.47
C CYS C 127 16.53 -31.97 -11.66
N ARG C 128 17.83 -31.74 -11.51
CA ARG C 128 18.75 -31.97 -12.63
C ARG C 128 18.39 -30.97 -13.74
N LEU C 129 18.92 -29.76 -13.65
CA LEU C 129 18.61 -28.73 -14.64
C LEU C 129 19.70 -28.45 -15.67
N LYS D 1 -33.76 4.38 19.71
CA LYS D 1 -33.20 5.73 19.99
C LYS D 1 -32.81 6.45 18.70
N GLN D 2 -31.64 7.07 18.69
CA GLN D 2 -31.16 7.79 17.51
C GLN D 2 -30.06 7.06 16.73
N ALA D 3 -29.66 7.66 15.62
CA ALA D 3 -28.61 7.11 14.76
C ALA D 3 -28.33 8.11 13.63
N GLN D 4 -27.08 8.55 13.52
CA GLN D 4 -26.68 9.49 12.49
C GLN D 4 -25.80 8.79 11.46
N VAL D 5 -25.93 9.17 10.19
CA VAL D 5 -25.14 8.52 9.14
C VAL D 5 -24.57 9.45 8.07
N ASP D 6 -23.27 9.30 7.84
CA ASP D 6 -22.57 10.07 6.82
C ASP D 6 -22.31 9.13 5.64
N TYR D 7 -22.59 9.62 4.44
CA TYR D 7 -22.42 8.82 3.23
C TYR D 7 -21.36 9.37 2.28
N LEU D 8 -20.64 8.45 1.63
CA LEU D 8 -19.62 8.80 0.65
C LEU D 8 -20.21 8.54 -0.72
N ALA D 9 -19.97 9.44 -1.66
CA ALA D 9 -20.49 9.28 -3.01
C ALA D 9 -19.49 8.51 -3.86
N LEU D 10 -19.93 7.34 -4.35
CA LEU D 10 -19.07 6.52 -5.19
C LEU D 10 -19.08 7.09 -6.60
N PRO D 11 -17.89 7.35 -7.18
CA PRO D 11 -17.79 7.90 -8.53
C PRO D 11 -18.23 7.01 -9.69
N GLY D 12 -18.65 7.66 -10.77
CA GLY D 12 -19.06 6.94 -11.96
C GLY D 12 -20.50 6.46 -11.93
N ASP D 13 -20.93 5.89 -13.06
CA ASP D 13 -22.29 5.38 -13.20
C ASP D 13 -22.30 3.88 -13.42
N ALA D 14 -21.17 3.23 -13.14
CA ALA D 14 -21.09 1.78 -13.30
C ALA D 14 -22.04 1.14 -12.31
N LYS D 15 -22.41 -0.11 -12.58
CA LYS D 15 -23.32 -0.84 -11.73
C LYS D 15 -22.65 -1.23 -10.42
N LEU D 16 -23.30 -0.92 -9.30
CA LEU D 16 -22.78 -1.25 -7.99
C LEU D 16 -23.22 -2.62 -7.50
N ASP D 17 -22.27 -3.39 -6.97
CA ASP D 17 -22.58 -4.69 -6.43
C ASP D 17 -22.02 -4.77 -5.03
N THR D 18 -22.89 -5.08 -4.07
CA THR D 18 -22.48 -5.17 -2.67
C THR D 18 -22.70 -6.58 -2.15
N ARG D 19 -21.84 -7.01 -1.23
CA ARG D 19 -21.96 -8.34 -0.66
C ARG D 19 -21.40 -8.40 0.75
N SER D 20 -22.17 -9.00 1.66
CA SER D 20 -21.75 -9.15 3.04
C SER D 20 -21.25 -10.57 3.26
N VAL D 21 -20.06 -10.70 3.84
CA VAL D 21 -19.46 -12.01 4.09
C VAL D 21 -19.03 -12.13 5.54
N ASP D 22 -19.35 -13.26 6.16
CA ASP D 22 -18.96 -13.49 7.55
C ASP D 22 -17.70 -14.33 7.57
N TYR D 23 -16.77 -13.98 8.44
CA TYR D 23 -15.51 -14.70 8.54
C TYR D 23 -15.25 -15.16 9.96
N LYS D 24 -14.24 -16.00 10.07
CA LYS D 24 -13.76 -16.51 11.35
C LYS D 24 -12.26 -16.59 11.14
N CYS D 25 -11.50 -16.01 12.06
CA CYS D 25 -10.05 -16.03 11.93
C CYS D 25 -9.37 -16.98 12.91
N GLU D 26 -8.09 -17.19 12.67
CA GLU D 26 -7.24 -18.06 13.45
C GLU D 26 -7.12 -17.69 14.94
N ASN D 27 -7.48 -16.46 15.30
CA ASN D 27 -7.40 -16.01 16.69
C ASN D 27 -8.75 -16.04 17.39
N GLY D 28 -9.72 -16.68 16.77
CA GLY D 28 -11.04 -16.77 17.35
C GLY D 28 -11.96 -15.65 16.92
N ARG D 29 -11.39 -14.54 16.47
CA ARG D 29 -12.19 -13.40 16.04
C ARG D 29 -13.24 -13.80 15.01
N LYS D 30 -14.36 -13.09 15.06
CA LYS D 30 -15.50 -13.33 14.19
C LYS D 30 -16.11 -11.99 13.81
N PHE D 31 -16.23 -11.74 12.51
CA PHE D 31 -16.79 -10.49 12.04
C PHE D 31 -17.41 -10.63 10.67
N THR D 32 -17.95 -9.52 10.17
CA THR D 32 -18.60 -9.48 8.87
C THR D 32 -18.01 -8.34 8.06
N VAL D 33 -17.67 -8.63 6.81
CA VAL D 33 -17.09 -7.65 5.91
C VAL D 33 -18.07 -7.25 4.81
N GLN D 34 -18.07 -5.98 4.45
CA GLN D 34 -18.94 -5.54 3.38
C GLN D 34 -18.06 -5.20 2.18
N TYR D 35 -18.35 -5.83 1.05
CA TYR D 35 -17.60 -5.59 -0.16
C TYR D 35 -18.43 -4.78 -1.13
N LEU D 36 -17.82 -3.77 -1.73
CA LEU D 36 -18.49 -2.92 -2.70
C LEU D 36 -17.66 -2.86 -3.96
N ASN D 37 -18.26 -3.25 -5.08
CA ASN D 37 -17.58 -3.25 -6.36
C ASN D 37 -18.36 -2.38 -7.34
N LYS D 38 -17.74 -1.32 -7.81
CA LYS D 38 -18.39 -0.41 -8.75
C LYS D 38 -17.36 0.21 -9.70
N GLY D 39 -17.38 -0.22 -10.95
CA GLY D 39 -16.43 0.31 -11.91
C GLY D 39 -14.99 0.05 -11.54
N ASP D 40 -14.17 1.10 -11.54
CA ASP D 40 -12.75 0.95 -11.19
C ASP D 40 -12.55 0.85 -9.69
N ASN D 41 -13.58 1.14 -8.93
CA ASN D 41 -13.48 1.11 -7.49
C ASN D 41 -13.97 -0.18 -6.86
N SER D 42 -13.21 -0.64 -5.89
CA SER D 42 -13.52 -1.86 -5.18
C SER D 42 -13.11 -1.60 -3.74
N LEU D 43 -14.04 -1.77 -2.81
CA LEU D 43 -13.76 -1.51 -1.41
C LEU D 43 -14.19 -2.65 -0.50
N ALA D 44 -13.61 -2.67 0.69
CA ALA D 44 -13.92 -3.66 1.69
C ALA D 44 -13.97 -2.94 3.03
N VAL D 45 -15.13 -2.95 3.66
CA VAL D 45 -15.30 -2.31 4.96
C VAL D 45 -15.04 -3.42 5.97
N VAL D 46 -13.95 -3.29 6.71
CA VAL D 46 -13.56 -4.31 7.66
C VAL D 46 -13.34 -3.86 9.08
N PRO D 47 -13.94 -4.56 10.04
CA PRO D 47 -13.72 -4.15 11.43
C PRO D 47 -12.41 -4.87 11.82
N VAL D 48 -11.31 -4.12 11.76
CA VAL D 48 -10.00 -4.69 12.10
C VAL D 48 -9.93 -5.00 13.58
N SER D 49 -10.99 -4.64 14.30
CA SER D 49 -11.07 -4.90 15.74
C SER D 49 -12.43 -4.54 16.27
N ASP D 50 -12.58 -4.67 17.58
CA ASP D 50 -13.82 -4.39 18.28
C ASP D 50 -14.30 -2.93 18.21
N ASN D 51 -13.38 -1.98 18.18
CA ASN D 51 -13.75 -0.56 18.13
C ASN D 51 -13.25 0.21 16.90
N SER D 52 -12.70 -0.50 15.92
CA SER D 52 -12.20 0.15 14.73
C SER D 52 -12.58 -0.60 13.46
N THR D 53 -13.31 0.08 12.59
CA THR D 53 -13.75 -0.48 11.32
C THR D 53 -13.22 0.45 10.23
N LEU D 54 -12.48 -0.11 9.28
CA LEU D 54 -11.87 0.69 8.24
C LEU D 54 -12.39 0.41 6.85
N VAL D 55 -12.39 1.45 6.02
CA VAL D 55 -12.81 1.32 4.63
C VAL D 55 -11.51 1.09 3.86
N PHE D 56 -11.33 -0.13 3.36
CA PHE D 56 -10.14 -0.48 2.60
C PHE D 56 -10.37 -0.28 1.12
N SER D 57 -9.32 0.12 0.40
CA SER D 57 -9.44 0.32 -1.03
C SER D 57 -8.61 -0.77 -1.73
N ASN D 58 -9.18 -1.35 -2.76
CA ASN D 58 -8.49 -2.40 -3.51
C ASN D 58 -7.24 -1.81 -4.17
N VAL D 59 -6.11 -2.49 -4.01
CA VAL D 59 -4.85 -2.05 -4.61
C VAL D 59 -4.30 -3.16 -5.50
N ILE D 60 -3.43 -2.79 -6.43
CA ILE D 60 -2.86 -3.74 -7.38
C ILE D 60 -2.08 -4.91 -6.78
N SER D 61 -2.28 -6.09 -7.38
CA SER D 61 -1.59 -7.30 -6.95
C SER D 61 -1.61 -8.25 -8.13
N ALA D 62 -0.85 -9.34 -8.02
CA ALA D 62 -0.80 -10.33 -9.08
C ALA D 62 -1.95 -11.30 -8.95
N SER D 63 -2.26 -11.67 -7.71
CA SER D 63 -3.33 -12.63 -7.43
C SER D 63 -4.18 -12.22 -6.22
N GLY D 64 -5.41 -12.74 -6.19
CA GLY D 64 -6.33 -12.44 -5.09
C GLY D 64 -6.83 -11.02 -5.13
N ALA D 65 -7.56 -10.62 -4.10
CA ALA D 65 -8.08 -9.26 -4.01
C ALA D 65 -7.38 -8.63 -2.81
N LYS D 66 -6.43 -7.74 -3.11
CA LYS D 66 -5.68 -7.04 -2.06
C LYS D 66 -6.27 -5.66 -1.79
N TYR D 67 -6.51 -5.38 -0.51
CA TYR D 67 -7.10 -4.10 -0.09
C TYR D 67 -6.21 -3.47 0.99
N ALA D 68 -6.18 -2.13 1.03
CA ALA D 68 -5.34 -1.42 1.98
C ALA D 68 -6.09 -0.33 2.76
N ALA D 69 -5.66 -0.12 4.00
CA ALA D 69 -6.24 0.89 4.88
C ALA D 69 -5.42 0.99 6.15
N GLY D 70 -5.13 2.22 6.57
CA GLY D 70 -4.35 2.43 7.78
C GLY D 70 -3.06 1.65 7.72
N GLN D 71 -2.79 0.86 8.75
CA GLN D 71 -1.57 0.06 8.77
C GLN D 71 -1.88 -1.39 8.44
N TYR D 72 -3.08 -1.61 7.91
CA TYR D 72 -3.51 -2.95 7.56
C TYR D 72 -3.61 -3.23 6.07
N ILE D 73 -3.53 -4.52 5.75
CA ILE D 73 -3.70 -5.02 4.40
C ILE D 73 -4.69 -6.18 4.57
N TRP D 74 -5.78 -6.16 3.81
CA TRP D 74 -6.80 -7.21 3.83
C TRP D 74 -6.68 -7.82 2.44
N TRP D 75 -6.15 -9.04 2.39
CA TRP D 75 -5.93 -9.71 1.12
C TRP D 75 -6.74 -11.01 1.03
N THR D 76 -7.69 -11.04 0.10
CA THR D 76 -8.53 -12.20 -0.05
C THR D 76 -8.17 -13.05 -1.27
N LYS D 77 -8.46 -14.34 -1.15
CA LYS D 77 -8.19 -15.32 -2.20
C LYS D 77 -9.30 -16.36 -2.04
N GLY D 78 -10.31 -16.28 -2.88
CA GLY D 78 -11.42 -17.22 -2.78
C GLY D 78 -12.13 -17.00 -1.45
N GLU D 79 -12.46 -18.09 -0.77
CA GLU D 79 -13.15 -18.03 0.52
C GLU D 79 -12.17 -17.69 1.66
N GLU D 80 -10.90 -17.58 1.31
CA GLU D 80 -9.86 -17.29 2.30
C GLU D 80 -9.44 -15.83 2.36
N ALA D 81 -8.82 -15.44 3.48
CA ALA D 81 -8.35 -14.06 3.64
C ALA D 81 -7.23 -13.99 4.66
N THR D 82 -6.47 -12.90 4.60
CA THR D 82 -5.37 -12.70 5.52
C THR D 82 -5.35 -11.21 5.86
N LEU D 83 -5.25 -10.92 7.16
CA LEU D 83 -5.17 -9.53 7.63
C LEU D 83 -3.76 -9.31 8.14
N TYR D 84 -3.09 -8.28 7.61
CA TYR D 84 -1.73 -7.96 8.01
C TYR D 84 -1.72 -6.62 8.71
N GLY D 85 -0.91 -6.50 9.75
CA GLY D 85 -0.80 -5.25 10.49
C GLY D 85 -1.20 -5.38 11.94
N ASP D 86 -0.68 -4.48 12.78
CA ASP D 86 -1.02 -4.46 14.20
C ASP D 86 -1.66 -3.12 14.54
N GLY D 95 0.31 -12.84 8.34
CA GLY D 95 -0.65 -12.22 9.24
C GLY D 95 -1.66 -13.23 9.75
N VAL D 96 -2.84 -12.74 10.14
CA VAL D 96 -3.92 -13.57 10.66
C VAL D 96 -4.70 -14.25 9.51
N ALA D 97 -4.81 -15.58 9.57
CA ALA D 97 -5.51 -16.35 8.54
C ALA D 97 -7.01 -16.46 8.86
N CYS D 98 -7.85 -16.03 7.92
CA CYS D 98 -9.30 -16.06 8.11
C CYS D 98 -10.01 -16.79 6.96
N LYS D 99 -11.21 -17.25 7.23
CA LYS D 99 -12.00 -17.96 6.23
C LYS D 99 -13.49 -17.66 6.41
N GLU D 100 -14.25 -17.79 5.33
CA GLU D 100 -15.68 -17.51 5.36
C GLU D 100 -16.49 -18.42 6.30
N ARG D 101 -17.46 -17.79 6.98
CA ARG D 101 -18.40 -18.40 7.95
C ARG D 101 -18.26 -17.83 9.36
#